data_6R0A
#
_entry.id   6R0A
#
_cell.length_a   58.191
_cell.length_b   58.191
_cell.length_c   395.892
_cell.angle_alpha   90.000
_cell.angle_beta   90.000
_cell.angle_gamma   120.000
#
_symmetry.space_group_name_H-M   'P 61 2 2'
#
loop_
_entity.id
_entity.type
_entity.pdbx_description
1 polymer 'Farnesyl diphosphate synthase'
2 non-polymer 3-[[4-(1,3-benzothiazol-2-yl)piperazin-1-yl]methyl]-1~{H}-indol-5-ol
3 non-polymer 'ACETATE ION'
4 non-polymer 'ZINC ION'
5 non-polymer 'SULFATE ION'
6 water water
#
_entity_poly.entity_id   1
_entity_poly.type   'polypeptide(L)'
_entity_poly.pdbx_seq_one_letter_code
;GPMASMERFLSVYDEVQAFLLDQLQSKYEIDPNRARYLRIMMDTTCLGGKYFRGMTVVNVAEGFLAVTQHDEATKERILH
DACVGGWMIEFLQAHYLVEDDIMDGSVMRRGKPCWYRFPGVTTQCAINDGIILKSWTQIMAWHYFADRPFLKDLLCLFQK
VDYATAVGQMYDVTSMCDSNKLDPEVAQPMTTDFAEFTPAIYKRIVKYKTTFYTYLLPLVMGLLVSEAAASVEMNLVERV
AHLIGEYFQVQDDVMDCFTPPEQLGKVGTDIEDAKCSWLAVTFLGKANAAQVAEFKANYGEKDPAKVAVVKRLYSKANLQ
ADFAAYEAEVVREVESLIEQLKVKSPTFAESVAVVWEKTHKRKK
;
_entity_poly.pdbx_strand_id   A
#
# COMPACT_ATOMS: atom_id res chain seq x y z
N ALA A 4 -20.20 -15.98 -2.71
CA ALA A 4 -19.86 -14.58 -2.46
C ALA A 4 -18.36 -14.34 -2.71
N SER A 5 -18.03 -13.08 -3.08
CA SER A 5 -16.67 -12.67 -3.48
C SER A 5 -15.60 -12.93 -2.44
N MET A 6 -15.83 -12.54 -1.18
CA MET A 6 -14.85 -12.71 -0.12
C MET A 6 -14.53 -14.18 0.15
N GLU A 7 -15.57 -15.05 0.19
CA GLU A 7 -15.43 -16.49 0.41
C GLU A 7 -14.66 -17.14 -0.70
N ARG A 8 -14.89 -16.70 -1.96
CA ARG A 8 -14.12 -17.23 -3.08
C ARG A 8 -12.64 -16.83 -2.88
N PHE A 9 -12.41 -15.57 -2.53
CA PHE A 9 -11.06 -15.05 -2.36
C PHE A 9 -10.30 -15.78 -1.26
N LEU A 10 -10.97 -16.02 -0.12
CA LEU A 10 -10.34 -16.76 0.99
C LEU A 10 -10.10 -18.20 0.66
N SER A 11 -11.02 -18.85 -0.11
CA SER A 11 -10.80 -20.23 -0.53
C SER A 11 -9.59 -20.30 -1.43
N VAL A 12 -9.39 -19.25 -2.30
CA VAL A 12 -8.26 -19.30 -3.19
C VAL A 12 -6.96 -19.15 -2.37
N TYR A 13 -7.01 -18.40 -1.27
CA TYR A 13 -5.79 -18.31 -0.43
C TYR A 13 -5.40 -19.75 0.00
N ASP A 14 -6.36 -20.56 0.49
CA ASP A 14 -5.98 -21.88 0.95
C ASP A 14 -5.43 -22.75 -0.17
N GLU A 15 -5.98 -22.58 -1.40
CA GLU A 15 -5.53 -23.32 -2.56
C GLU A 15 -4.10 -22.92 -2.92
N VAL A 16 -3.85 -21.62 -3.01
CA VAL A 16 -2.52 -21.14 -3.38
C VAL A 16 -1.51 -21.53 -2.32
N GLN A 17 -1.86 -21.41 -1.04
CA GLN A 17 -0.96 -21.86 0.03
C GLN A 17 -0.63 -23.33 -0.12
N ALA A 18 -1.65 -24.19 -0.34
CA ALA A 18 -1.39 -25.61 -0.49
C ALA A 18 -0.49 -25.86 -1.69
N PHE A 19 -0.73 -25.15 -2.81
CA PHE A 19 0.09 -25.33 -3.99
C PHE A 19 1.56 -24.98 -3.67
N LEU A 20 1.78 -23.82 -3.03
CA LEU A 20 3.15 -23.40 -2.74
C LEU A 20 3.88 -24.37 -1.83
N LEU A 21 3.22 -24.79 -0.76
CA LEU A 21 3.84 -25.69 0.20
C LEU A 21 4.04 -27.07 -0.33
N ASP A 22 3.08 -27.56 -1.17
CA ASP A 22 3.25 -28.88 -1.77
C ASP A 22 4.41 -28.86 -2.77
N GLN A 23 4.59 -27.75 -3.51
CA GLN A 23 5.72 -27.60 -4.42
C GLN A 23 7.04 -27.55 -3.65
N LEU A 24 7.05 -26.92 -2.48
CA LEU A 24 8.30 -26.92 -1.71
C LEU A 24 8.72 -28.35 -1.35
N GLN A 25 7.73 -29.20 -1.05
CA GLN A 25 8.00 -30.60 -0.68
C GLN A 25 8.40 -31.44 -1.91
N SER A 26 7.70 -31.29 -3.05
CA SER A 26 7.97 -32.15 -4.20
C SER A 26 9.15 -31.72 -5.06
N LYS A 27 9.49 -30.42 -5.04
CA LYS A 27 10.53 -29.88 -5.92
C LYS A 27 11.72 -29.24 -5.20
N TYR A 28 11.52 -28.80 -3.93
CA TYR A 28 12.59 -28.08 -3.21
C TYR A 28 13.12 -28.81 -2.00
N GLU A 29 12.78 -30.09 -1.85
CA GLU A 29 13.35 -30.92 -0.79
C GLU A 29 13.06 -30.41 0.62
N ILE A 30 11.96 -29.65 0.80
CA ILE A 30 11.67 -29.16 2.14
C ILE A 30 11.21 -30.26 3.07
N ASP A 31 11.53 -30.09 4.34
CA ASP A 31 11.15 -30.96 5.43
C ASP A 31 9.86 -30.39 6.09
N PRO A 32 9.11 -31.20 6.84
CA PRO A 32 7.83 -30.72 7.39
C PRO A 32 7.92 -29.56 8.35
N ASN A 33 9.01 -29.45 9.11
CA ASN A 33 9.15 -28.38 10.06
C ASN A 33 9.38 -27.04 9.39
N ARG A 34 10.20 -27.00 8.34
CA ARG A 34 10.39 -25.75 7.61
C ARG A 34 9.14 -25.42 6.82
N ALA A 35 8.42 -26.44 6.30
CA ALA A 35 7.16 -26.15 5.60
C ALA A 35 6.15 -25.52 6.58
N ARG A 36 6.13 -25.99 7.83
CA ARG A 36 5.25 -25.44 8.86
C ARG A 36 5.67 -24.00 9.17
N TYR A 37 6.99 -23.73 9.33
CA TYR A 37 7.44 -22.36 9.56
C TYR A 37 6.95 -21.45 8.44
N LEU A 38 7.09 -21.87 7.19
CA LEU A 38 6.69 -21.01 6.06
C LEU A 38 5.18 -20.84 5.99
N ARG A 39 4.43 -21.87 6.40
CA ARG A 39 2.96 -21.76 6.45
C ARG A 39 2.58 -20.72 7.48
N ILE A 40 3.19 -20.79 8.66
CA ILE A 40 2.86 -19.80 9.69
C ILE A 40 3.31 -18.39 9.26
N MET A 41 4.50 -18.30 8.61
CA MET A 41 4.96 -17.00 8.14
C MET A 41 3.95 -16.44 7.14
N MET A 42 3.51 -17.26 6.18
CA MET A 42 2.55 -16.79 5.19
C MET A 42 1.27 -16.26 5.87
N ASP A 43 0.72 -17.06 6.79
CA ASP A 43 -0.52 -16.66 7.45
C ASP A 43 -0.32 -15.41 8.25
N THR A 44 0.81 -15.31 8.98
CA THR A 44 0.96 -14.16 9.86
C THR A 44 1.22 -12.86 9.10
N THR A 45 1.87 -12.97 7.94
CA THR A 45 2.22 -11.76 7.22
C THR A 45 1.20 -11.39 6.16
N CYS A 46 0.42 -12.37 5.66
CA CYS A 46 -0.52 -12.06 4.56
C CYS A 46 -1.93 -11.86 5.02
N LEU A 47 -2.31 -12.44 6.18
CA LEU A 47 -3.72 -12.41 6.60
C LEU A 47 -3.96 -11.44 7.74
N GLY A 48 -5.22 -11.07 7.94
CA GLY A 48 -5.57 -10.20 9.05
C GLY A 48 -6.00 -8.80 8.68
N GLY A 49 -5.61 -8.35 7.48
CA GLY A 49 -5.98 -7.03 6.96
C GLY A 49 -7.41 -7.05 6.40
N LYS A 50 -7.75 -6.02 5.61
CA LYS A 50 -9.08 -5.88 5.01
C LYS A 50 -9.16 -6.53 3.61
N TYR A 51 -7.98 -6.87 3.05
CA TYR A 51 -7.90 -7.45 1.71
C TYR A 51 -8.42 -6.45 0.67
N PHE A 52 -8.31 -5.16 0.98
CA PHE A 52 -8.81 -4.13 0.06
C PHE A 52 -8.19 -4.23 -1.35
N ARG A 53 -6.87 -4.39 -1.43
CA ARG A 53 -6.18 -4.45 -2.71
C ARG A 53 -6.57 -5.67 -3.51
N GLY A 54 -6.55 -6.84 -2.86
CA GLY A 54 -6.92 -8.04 -3.59
C GLY A 54 -8.37 -8.07 -4.02
N MET A 55 -9.28 -7.62 -3.14
CA MET A 55 -10.70 -7.61 -3.46
C MET A 55 -11.04 -6.60 -4.52
N THR A 56 -10.21 -5.56 -4.72
CA THR A 56 -10.44 -4.61 -5.82
C THR A 56 -10.30 -5.37 -7.16
N VAL A 57 -9.31 -6.28 -7.27
CA VAL A 57 -9.17 -7.05 -8.51
C VAL A 57 -10.44 -7.83 -8.78
N VAL A 58 -10.93 -8.52 -7.76
CA VAL A 58 -12.14 -9.33 -7.86
C VAL A 58 -13.36 -8.47 -8.23
N ASN A 59 -13.52 -7.31 -7.58
N ASN A 59 -13.52 -7.29 -7.57
CA ASN A 59 -14.66 -6.46 -7.86
CA ASN A 59 -14.62 -6.37 -7.84
C ASN A 59 -14.63 -5.88 -9.30
C ASN A 59 -14.62 -5.89 -9.29
N VAL A 60 -13.44 -5.51 -9.80
CA VAL A 60 -13.33 -5.01 -11.17
C VAL A 60 -13.73 -6.15 -12.13
N ALA A 61 -13.25 -7.37 -11.87
CA ALA A 61 -13.59 -8.48 -12.76
C ALA A 61 -15.08 -8.85 -12.70
N GLU A 62 -15.68 -8.77 -11.48
CA GLU A 62 -17.13 -9.03 -11.35
C GLU A 62 -17.95 -8.02 -12.14
N GLY A 63 -17.49 -6.77 -12.17
CA GLY A 63 -18.21 -5.73 -12.91
C GLY A 63 -18.32 -6.06 -14.37
N PHE A 64 -17.20 -6.52 -14.97
CA PHE A 64 -17.22 -6.89 -16.38
C PHE A 64 -17.99 -8.14 -16.66
N LEU A 65 -17.98 -9.11 -15.73
CA LEU A 65 -18.73 -10.35 -15.94
C LEU A 65 -20.22 -10.09 -16.06
N ALA A 66 -20.69 -9.07 -15.36
CA ALA A 66 -22.11 -8.75 -15.33
C ALA A 66 -22.64 -8.30 -16.68
N VAL A 67 -21.75 -7.79 -17.56
CA VAL A 67 -22.15 -7.18 -18.84
C VAL A 67 -21.56 -7.87 -20.06
N THR A 68 -20.79 -8.93 -19.87
CA THR A 68 -20.10 -9.61 -20.97
C THR A 68 -20.62 -11.06 -21.11
N GLN A 69 -20.78 -11.57 -22.36
CA GLN A 69 -21.26 -12.92 -22.64
C GLN A 69 -20.10 -13.88 -22.43
N HIS A 70 -20.31 -14.90 -21.56
CA HIS A 70 -19.31 -15.93 -21.33
C HIS A 70 -20.00 -17.20 -20.94
N ASP A 71 -19.38 -18.35 -21.24
CA ASP A 71 -19.86 -19.61 -20.68
C ASP A 71 -19.60 -19.53 -19.16
N GLU A 72 -20.34 -20.33 -18.39
CA GLU A 72 -20.17 -20.38 -16.93
C GLU A 72 -18.75 -20.78 -16.53
N ALA A 73 -18.15 -21.72 -17.27
CA ALA A 73 -16.78 -22.14 -16.97
C ALA A 73 -15.77 -20.99 -17.16
N THR A 74 -16.07 -20.11 -18.13
CA THR A 74 -15.19 -18.95 -18.38
C THR A 74 -15.36 -17.97 -17.24
N LYS A 75 -16.61 -17.74 -16.79
CA LYS A 75 -16.84 -16.84 -15.62
C LYS A 75 -16.06 -17.35 -14.41
N GLU A 76 -16.08 -18.68 -14.16
CA GLU A 76 -15.32 -19.24 -13.03
C GLU A 76 -13.84 -19.06 -13.21
N ARG A 77 -13.32 -19.27 -14.42
CA ARG A 77 -11.90 -19.07 -14.70
C ARG A 77 -11.48 -17.61 -14.45
N ILE A 78 -12.28 -16.65 -14.92
CA ILE A 78 -11.93 -15.25 -14.75
C ILE A 78 -11.93 -14.89 -13.27
N LEU A 79 -12.95 -15.30 -12.52
CA LEU A 79 -12.96 -15.02 -11.09
C LEU A 79 -11.81 -15.69 -10.36
N HIS A 80 -11.47 -16.92 -10.72
CA HIS A 80 -10.34 -17.57 -10.05
C HIS A 80 -9.07 -16.79 -10.37
N ASP A 81 -8.92 -16.35 -11.63
CA ASP A 81 -7.72 -15.56 -11.97
C ASP A 81 -7.70 -14.25 -11.22
N ALA A 82 -8.87 -13.62 -11.06
CA ALA A 82 -8.89 -12.35 -10.33
C ALA A 82 -8.47 -12.58 -8.87
N CYS A 83 -8.86 -13.74 -8.30
CA CYS A 83 -8.48 -14.05 -6.90
C CYS A 83 -6.99 -14.31 -6.82
N VAL A 84 -6.41 -15.08 -7.72
CA VAL A 84 -4.96 -15.31 -7.71
C VAL A 84 -4.23 -13.97 -7.90
N GLY A 85 -4.67 -13.15 -8.85
CA GLY A 85 -4.02 -11.86 -9.03
C GLY A 85 -4.12 -10.99 -7.80
N GLY A 86 -5.28 -10.99 -7.16
CA GLY A 86 -5.45 -10.24 -5.91
C GLY A 86 -4.50 -10.73 -4.83
N TRP A 87 -4.31 -12.06 -4.73
CA TRP A 87 -3.35 -12.55 -3.73
C TRP A 87 -1.93 -12.20 -4.11
N MET A 88 -1.60 -12.08 -5.40
CA MET A 88 -0.24 -11.62 -5.74
C MET A 88 -0.04 -10.24 -5.15
N ILE A 89 -1.07 -9.37 -5.20
CA ILE A 89 -0.88 -8.03 -4.67
C ILE A 89 -0.83 -8.06 -3.13
N GLU A 90 -1.64 -8.91 -2.51
CA GLU A 90 -1.59 -9.01 -1.04
C GLU A 90 -0.22 -9.53 -0.59
N PHE A 91 0.37 -10.46 -1.36
CA PHE A 91 1.68 -11.01 -0.94
C PHE A 91 2.76 -9.96 -1.22
N LEU A 92 2.58 -9.13 -2.24
CA LEU A 92 3.52 -8.04 -2.53
C LEU A 92 3.48 -7.05 -1.36
N GLN A 93 2.27 -6.68 -0.92
CA GLN A 93 2.17 -5.80 0.24
C GLN A 93 2.82 -6.48 1.45
N ALA A 94 2.59 -7.78 1.64
CA ALA A 94 3.16 -8.47 2.81
C ALA A 94 4.68 -8.34 2.81
N HIS A 95 5.32 -8.51 1.62
CA HIS A 95 6.75 -8.34 1.46
C HIS A 95 7.15 -6.93 1.92
N TYR A 96 6.50 -5.89 1.43
N TYR A 96 6.45 -5.88 1.44
CA TYR A 96 6.94 -4.56 1.82
CA TYR A 96 6.76 -4.51 1.81
C TYR A 96 6.67 -4.25 3.29
C TYR A 96 6.67 -4.29 3.30
N LEU A 97 5.61 -4.81 3.91
CA LEU A 97 5.37 -4.57 5.34
C LEU A 97 6.41 -5.26 6.17
N VAL A 98 6.77 -6.49 5.80
CA VAL A 98 7.80 -7.15 6.59
C VAL A 98 9.11 -6.39 6.53
N GLU A 99 9.52 -6.00 5.32
CA GLU A 99 10.79 -5.30 5.19
C GLU A 99 10.77 -3.90 5.79
N ASP A 100 9.67 -3.19 5.59
CA ASP A 100 9.54 -1.83 6.13
C ASP A 100 9.58 -1.88 7.63
N ASP A 101 8.89 -2.88 8.24
CA ASP A 101 8.94 -2.93 9.70
C ASP A 101 10.35 -3.13 10.24
N ILE A 102 11.18 -3.96 9.57
CA ILE A 102 12.55 -4.14 9.99
C ILE A 102 13.32 -2.86 9.75
N MET A 103 13.20 -2.26 8.56
CA MET A 103 13.91 -1.02 8.27
C MET A 103 13.66 0.06 9.33
N ASP A 104 12.39 0.19 9.72
CA ASP A 104 11.94 1.25 10.61
C ASP A 104 12.04 0.93 12.07
N GLY A 105 12.41 -0.29 12.40
CA GLY A 105 12.49 -0.72 13.80
C GLY A 105 11.11 -0.70 14.44
N SER A 106 10.06 -0.99 13.65
CA SER A 106 8.70 -0.94 14.18
C SER A 106 8.43 -2.02 15.20
N VAL A 107 7.44 -1.81 16.07
CA VAL A 107 7.16 -2.74 17.15
C VAL A 107 5.92 -3.58 16.88
N MET A 108 4.84 -2.93 16.43
N MET A 108 4.85 -2.93 16.42
CA MET A 108 3.57 -3.60 16.16
CA MET A 108 3.59 -3.59 16.12
C MET A 108 3.05 -3.29 14.76
C MET A 108 3.07 -3.28 14.74
N ARG A 109 2.23 -4.19 14.22
CA ARG A 109 1.58 -4.11 12.92
C ARG A 109 0.25 -4.87 13.06
N ARG A 110 -0.88 -4.20 12.84
CA ARG A 110 -2.23 -4.80 12.93
C ARG A 110 -2.53 -5.48 14.29
N GLY A 111 -2.13 -4.80 15.38
CA GLY A 111 -2.41 -5.30 16.73
C GLY A 111 -1.56 -6.48 17.20
N LYS A 112 -0.54 -6.86 16.42
CA LYS A 112 0.36 -7.95 16.80
C LYS A 112 1.82 -7.55 16.56
N PRO A 113 2.82 -8.23 17.18
CA PRO A 113 4.20 -7.81 16.93
C PRO A 113 4.56 -7.94 15.46
N CYS A 114 5.46 -7.06 15.03
CA CYS A 114 5.98 -7.16 13.66
C CYS A 114 6.61 -8.53 13.51
N TRP A 115 6.56 -9.09 12.30
CA TRP A 115 7.08 -10.44 12.11
C TRP A 115 8.51 -10.67 12.63
N TYR A 116 9.44 -9.72 12.38
CA TYR A 116 10.82 -9.93 12.80
C TYR A 116 10.95 -10.01 14.32
N ARG A 117 9.97 -9.51 15.03
CA ARG A 117 10.00 -9.52 16.51
C ARG A 117 9.51 -10.81 17.12
N PHE A 118 8.97 -11.73 16.30
CA PHE A 118 8.55 -13.01 16.84
C PHE A 118 9.81 -13.71 17.38
N PRO A 119 9.73 -14.36 18.53
CA PRO A 119 10.94 -14.91 19.16
C PRO A 119 11.76 -15.86 18.30
N GLY A 120 11.06 -16.68 17.53
CA GLY A 120 11.68 -17.69 16.68
C GLY A 120 11.94 -17.24 15.27
N VAL A 121 11.83 -15.91 15.02
CA VAL A 121 12.05 -15.39 13.69
C VAL A 121 13.37 -14.60 13.66
N THR A 122 13.37 -13.40 14.26
CA THR A 122 14.53 -12.48 14.30
C THR A 122 14.77 -11.86 12.94
N THR A 123 15.53 -10.76 12.93
CA THR A 123 15.84 -10.05 11.68
C THR A 123 16.53 -10.96 10.70
N GLN A 124 17.43 -11.86 11.17
CA GLN A 124 18.17 -12.72 10.26
C GLN A 124 17.24 -13.54 9.38
N CYS A 125 16.18 -14.09 9.96
CA CYS A 125 15.21 -14.82 9.16
C CYS A 125 14.23 -13.92 8.45
N ALA A 126 13.73 -12.89 9.13
CA ALA A 126 12.67 -12.10 8.55
C ALA A 126 13.01 -11.40 7.28
N ILE A 127 14.25 -10.93 7.14
CA ILE A 127 14.57 -10.28 5.85
C ILE A 127 14.37 -11.29 4.72
N ASN A 128 14.85 -12.52 4.91
CA ASN A 128 14.68 -13.52 3.88
C ASN A 128 13.23 -13.97 3.72
N ASP A 129 12.47 -14.02 4.81
CA ASP A 129 11.05 -14.37 4.70
C ASP A 129 10.35 -13.36 3.81
N GLY A 130 10.74 -12.08 3.95
CA GLY A 130 10.16 -11.06 3.11
C GLY A 130 10.52 -11.27 1.65
N ILE A 131 11.77 -11.68 1.39
CA ILE A 131 12.18 -12.00 0.02
C ILE A 131 11.34 -13.15 -0.54
N ILE A 132 11.10 -14.19 0.26
CA ILE A 132 10.27 -15.32 -0.16
C ILE A 132 8.85 -14.86 -0.48
N LEU A 133 8.29 -13.95 0.32
CA LEU A 133 6.91 -13.49 0.05
C LEU A 133 6.79 -12.91 -1.34
N LYS A 134 7.78 -12.06 -1.74
CA LYS A 134 7.66 -11.53 -3.09
C LYS A 134 7.95 -12.61 -4.15
N SER A 135 8.88 -13.57 -3.87
N SER A 135 8.84 -13.54 -3.88
CA SER A 135 9.16 -14.65 -4.82
CA SER A 135 9.08 -14.57 -4.88
C SER A 135 7.92 -15.49 -5.06
C SER A 135 7.82 -15.39 -5.10
N TRP A 136 7.06 -15.65 -4.03
CA TRP A 136 5.82 -16.41 -4.17
C TRP A 136 4.83 -15.72 -5.13
N THR A 137 4.88 -14.37 -5.24
CA THR A 137 3.95 -13.73 -6.20
C THR A 137 4.28 -14.20 -7.61
N GLN A 138 5.57 -14.40 -7.92
CA GLN A 138 5.96 -14.81 -9.28
C GLN A 138 5.66 -16.28 -9.48
N ILE A 139 5.88 -17.11 -8.45
CA ILE A 139 5.51 -18.53 -8.60
C ILE A 139 4.02 -18.65 -8.89
N MET A 140 3.14 -17.90 -8.19
CA MET A 140 1.69 -17.89 -8.45
C MET A 140 1.41 -17.55 -9.90
N ALA A 141 2.01 -16.44 -10.39
CA ALA A 141 1.72 -15.98 -11.73
C ALA A 141 2.11 -17.01 -12.79
N TRP A 142 3.34 -17.53 -12.72
CA TRP A 142 3.80 -18.48 -13.73
C TRP A 142 3.00 -19.77 -13.71
N HIS A 143 2.54 -20.19 -12.52
CA HIS A 143 1.79 -21.43 -12.44
C HIS A 143 0.35 -21.24 -12.92
N TYR A 144 -0.37 -20.32 -12.32
CA TYR A 144 -1.79 -20.18 -12.61
C TYR A 144 -2.08 -19.51 -13.94
N PHE A 145 -1.19 -18.63 -14.40
CA PHE A 145 -1.41 -17.87 -15.63
C PHE A 145 -0.56 -18.33 -16.79
N ALA A 146 0.08 -19.52 -16.66
CA ALA A 146 0.96 -20.06 -17.70
C ALA A 146 0.39 -19.96 -19.12
N ASP A 147 -0.87 -20.28 -19.28
CA ASP A 147 -1.43 -20.31 -20.62
C ASP A 147 -2.31 -19.11 -20.95
N ARG A 148 -2.21 -18.05 -20.14
CA ARG A 148 -3.08 -16.89 -20.33
C ARG A 148 -2.55 -15.84 -21.26
N PRO A 149 -3.43 -15.24 -22.06
CA PRO A 149 -2.96 -14.19 -22.99
C PRO A 149 -2.39 -12.98 -22.29
N PHE A 150 -2.85 -12.72 -21.05
CA PHE A 150 -2.42 -11.55 -20.29
C PHE A 150 -1.17 -11.74 -19.45
N LEU A 151 -0.55 -12.92 -19.47
CA LEU A 151 0.61 -13.15 -18.60
C LEU A 151 1.73 -12.14 -18.80
N LYS A 152 2.07 -11.84 -20.05
CA LYS A 152 3.17 -10.91 -20.32
C LYS A 152 2.85 -9.53 -19.77
N ASP A 153 1.66 -9.01 -20.10
CA ASP A 153 1.29 -7.68 -19.62
C ASP A 153 1.19 -7.64 -18.10
N LEU A 154 0.64 -8.69 -17.49
CA LEU A 154 0.52 -8.72 -16.04
C LEU A 154 1.89 -8.74 -15.35
N LEU A 155 2.82 -9.57 -15.83
CA LEU A 155 4.15 -9.57 -15.22
C LEU A 155 4.86 -8.26 -15.42
N CYS A 156 4.71 -7.64 -16.60
CA CYS A 156 5.40 -6.38 -16.85
C CYS A 156 4.84 -5.26 -15.96
N LEU A 157 3.50 -5.21 -15.81
CA LEU A 157 2.87 -4.23 -14.92
C LEU A 157 3.34 -4.45 -13.50
N PHE A 158 3.35 -5.70 -13.04
CA PHE A 158 3.72 -6.01 -11.68
C PHE A 158 5.15 -5.57 -11.37
N GLN A 159 6.07 -5.80 -12.31
CA GLN A 159 7.45 -5.39 -12.11
C GLN A 159 7.56 -3.87 -12.02
N LYS A 160 6.86 -3.17 -12.89
CA LYS A 160 6.91 -1.72 -12.86
C LYS A 160 6.38 -1.18 -11.57
N VAL A 161 5.31 -1.79 -11.06
CA VAL A 161 4.71 -1.31 -9.81
C VAL A 161 5.64 -1.61 -8.65
N ASP A 162 6.27 -2.80 -8.64
CA ASP A 162 7.21 -3.14 -7.56
C ASP A 162 8.38 -2.17 -7.56
N TYR A 163 8.95 -1.87 -8.72
CA TYR A 163 10.08 -0.95 -8.79
C TYR A 163 9.67 0.43 -8.31
N ALA A 164 8.52 0.94 -8.78
CA ALA A 164 8.05 2.25 -8.33
C ALA A 164 7.92 2.29 -6.80
N THR A 165 7.43 1.19 -6.20
CA THR A 165 7.27 1.12 -4.76
C THR A 165 8.60 1.17 -4.05
N ALA A 166 9.61 0.45 -4.55
CA ALA A 166 10.92 0.47 -3.91
C ALA A 166 11.54 1.87 -4.03
N VAL A 167 11.33 2.55 -5.18
CA VAL A 167 11.83 3.90 -5.33
C VAL A 167 11.12 4.83 -4.32
N GLY A 168 9.81 4.62 -4.14
CA GLY A 168 9.03 5.40 -3.18
C GLY A 168 9.50 5.18 -1.75
N GLN A 169 9.90 3.95 -1.41
CA GLN A 169 10.46 3.69 -0.10
C GLN A 169 11.77 4.49 0.08
N MET A 170 12.58 4.57 -0.97
CA MET A 170 13.78 5.38 -0.87
C MET A 170 13.40 6.85 -0.61
N TYR A 171 12.40 7.34 -1.33
CA TYR A 171 11.99 8.74 -1.10
C TYR A 171 11.48 8.96 0.32
N ASP A 172 10.74 7.98 0.87
CA ASP A 172 10.19 8.07 2.21
C ASP A 172 11.28 8.04 3.28
N VAL A 173 12.17 7.06 3.18
CA VAL A 173 13.20 6.90 4.23
C VAL A 173 14.17 8.06 4.27
N THR A 174 14.36 8.78 3.14
CA THR A 174 15.29 9.91 3.06
C THR A 174 14.54 11.26 3.12
N SER A 175 13.25 11.27 3.47
CA SER A 175 12.45 12.50 3.37
C SER A 175 12.78 13.57 4.40
N MET A 176 13.50 13.19 5.44
CA MET A 176 13.93 14.11 6.49
C MET A 176 15.42 14.49 6.38
N CYS A 177 16.08 14.09 5.28
CA CYS A 177 17.48 14.46 4.99
C CYS A 177 17.44 15.71 4.10
N ASP A 178 18.52 16.51 4.04
CA ASP A 178 18.61 17.53 3.01
C ASP A 178 19.15 16.80 1.80
N SER A 179 18.47 16.92 0.65
CA SER A 179 18.90 16.21 -0.57
C SER A 179 20.37 16.47 -0.92
N ASN A 180 20.83 17.73 -0.80
CA ASN A 180 22.21 18.08 -1.16
C ASN A 180 23.29 17.43 -0.29
N LYS A 181 22.91 16.93 0.90
CA LYS A 181 23.82 16.28 1.84
C LYS A 181 23.85 14.75 1.67
N LEU A 182 22.90 14.15 0.92
CA LEU A 182 22.86 12.69 0.76
C LEU A 182 24.17 12.20 0.23
N ASP A 183 24.76 11.19 0.89
CA ASP A 183 26.07 10.66 0.53
C ASP A 183 26.24 9.38 1.32
N PRO A 184 26.45 8.25 0.63
CA PRO A 184 26.65 6.98 1.35
C PRO A 184 27.82 6.99 2.32
N GLU A 185 28.82 7.83 2.09
CA GLU A 185 30.01 7.83 2.92
C GLU A 185 29.88 8.71 4.17
N VAL A 186 28.78 9.50 4.32
CA VAL A 186 28.66 10.47 5.41
C VAL A 186 27.36 10.28 6.18
N ALA A 187 27.42 10.13 7.52
CA ALA A 187 26.20 9.92 8.31
C ALA A 187 25.27 11.11 8.10
N GLN A 188 24.00 10.82 7.87
CA GLN A 188 23.06 11.87 7.49
C GLN A 188 22.47 12.63 8.64
N PRO A 189 22.62 13.98 8.70
CA PRO A 189 21.91 14.74 9.72
C PRO A 189 20.46 14.98 9.27
N MET A 190 19.56 15.14 10.23
CA MET A 190 18.19 15.51 9.91
C MET A 190 18.19 16.97 9.39
N THR A 191 17.26 17.27 8.49
CA THR A 191 17.09 18.65 8.03
C THR A 191 16.83 19.58 9.21
N THR A 192 17.38 20.80 9.12
CA THR A 192 17.08 21.83 10.11
C THR A 192 16.14 22.87 9.50
N ASP A 193 16.15 23.07 8.18
CA ASP A 193 15.30 24.09 7.58
C ASP A 193 13.95 23.59 7.14
N PHE A 194 13.78 22.25 7.01
CA PHE A 194 12.51 21.69 6.53
C PHE A 194 12.10 22.28 5.18
N ALA A 195 13.06 22.78 4.36
CA ALA A 195 12.69 23.36 3.04
C ALA A 195 12.13 22.33 2.08
N GLU A 196 12.43 21.04 2.31
CA GLU A 196 11.90 20.00 1.43
C GLU A 196 10.58 19.41 1.93
N PHE A 197 9.94 20.05 2.93
CA PHE A 197 8.63 19.58 3.40
C PHE A 197 7.63 20.46 2.65
N THR A 198 7.41 20.15 1.39
CA THR A 198 6.51 20.89 0.53
C THR A 198 5.45 19.97 -0.02
N PRO A 199 4.30 20.53 -0.46
CA PRO A 199 3.25 19.68 -1.04
C PRO A 199 3.76 18.87 -2.24
N ALA A 200 4.59 19.44 -3.12
CA ALA A 200 5.08 18.68 -4.29
C ALA A 200 6.02 17.54 -3.91
N ILE A 201 6.85 17.75 -2.90
CA ILE A 201 7.78 16.68 -2.48
C ILE A 201 7.01 15.58 -1.76
N TYR A 202 6.04 15.97 -0.94
CA TYR A 202 5.18 15.00 -0.26
C TYR A 202 4.42 14.19 -1.32
N LYS A 203 3.86 14.87 -2.35
CA LYS A 203 3.12 14.16 -3.40
C LYS A 203 4.01 13.16 -4.10
N ARG A 204 5.30 13.46 -4.30
CA ARG A 204 6.21 12.51 -4.96
C ARG A 204 6.40 11.27 -4.07
N ILE A 205 6.64 11.46 -2.78
CA ILE A 205 6.84 10.33 -1.88
C ILE A 205 5.66 9.41 -1.95
N VAL A 206 4.47 9.98 -1.80
CA VAL A 206 3.26 9.20 -1.69
C VAL A 206 2.92 8.50 -3.00
N LYS A 207 3.06 9.22 -4.10
CA LYS A 207 2.74 8.64 -5.39
C LYS A 207 3.48 7.32 -5.56
N TYR A 208 4.78 7.33 -5.27
CA TYR A 208 5.58 6.13 -5.49
C TYR A 208 5.49 5.12 -4.37
N LYS A 209 5.50 5.54 -3.11
CA LYS A 209 5.55 4.55 -2.04
C LYS A 209 4.25 3.75 -1.84
N THR A 210 3.08 4.35 -2.21
CA THR A 210 1.86 3.60 -1.97
C THR A 210 0.89 3.55 -3.14
N THR A 211 0.77 4.59 -3.94
CA THR A 211 -0.34 4.59 -4.89
C THR A 211 -0.25 3.58 -6.01
N PHE A 212 0.97 3.23 -6.45
CA PHE A 212 1.08 2.28 -7.55
C PHE A 212 0.62 0.92 -7.08
N TYR A 213 1.02 0.47 -5.86
CA TYR A 213 0.63 -0.89 -5.48
C TYR A 213 -0.77 -0.97 -4.82
N THR A 214 -1.24 0.16 -4.23
CA THR A 214 -2.50 0.07 -3.53
C THR A 214 -3.68 0.33 -4.46
N TYR A 215 -3.51 1.18 -5.51
CA TYR A 215 -4.63 1.50 -6.39
C TYR A 215 -4.40 1.21 -7.84
N LEU A 216 -3.25 1.58 -8.38
CA LEU A 216 -3.06 1.31 -9.80
C LEU A 216 -3.00 -0.16 -10.11
N LEU A 217 -2.17 -0.88 -9.36
CA LEU A 217 -2.01 -2.32 -9.65
C LEU A 217 -3.32 -3.10 -9.53
N PRO A 218 -4.14 -2.95 -8.47
CA PRO A 218 -5.39 -3.73 -8.42
C PRO A 218 -6.35 -3.36 -9.53
N LEU A 219 -6.46 -2.07 -9.85
CA LEU A 219 -7.42 -1.69 -10.91
C LEU A 219 -7.00 -2.23 -12.27
N VAL A 220 -5.71 -2.09 -12.61
CA VAL A 220 -5.23 -2.58 -13.91
C VAL A 220 -5.22 -4.10 -13.95
N MET A 221 -4.85 -4.75 -12.84
CA MET A 221 -4.93 -6.20 -12.84
C MET A 221 -6.34 -6.69 -13.09
N GLY A 222 -7.34 -6.04 -12.48
CA GLY A 222 -8.74 -6.43 -12.75
C GLY A 222 -9.06 -6.30 -14.23
N LEU A 223 -8.57 -5.24 -14.88
CA LEU A 223 -8.81 -5.08 -16.32
C LEU A 223 -8.09 -6.19 -17.12
N LEU A 224 -6.86 -6.52 -16.74
CA LEU A 224 -6.08 -7.53 -17.50
C LEU A 224 -6.71 -8.93 -17.41
N VAL A 225 -7.12 -9.34 -16.20
CA VAL A 225 -7.71 -10.68 -16.09
C VAL A 225 -9.07 -10.78 -16.80
N SER A 226 -9.69 -9.61 -17.04
CA SER A 226 -10.98 -9.50 -17.73
C SER A 226 -10.80 -9.28 -19.22
N GLU A 227 -9.53 -9.13 -19.65
CA GLU A 227 -9.22 -8.80 -21.06
C GLU A 227 -10.01 -7.57 -21.51
N ALA A 228 -9.99 -6.53 -20.64
CA ALA A 228 -10.79 -5.33 -20.79
C ALA A 228 -9.96 -4.07 -20.83
N ALA A 229 -8.62 -4.16 -20.84
CA ALA A 229 -7.81 -2.91 -20.79
C ALA A 229 -8.01 -1.97 -22.00
N ALA A 230 -8.32 -2.50 -23.20
CA ALA A 230 -8.57 -1.64 -24.38
C ALA A 230 -9.89 -0.87 -24.27
N SER A 231 -10.76 -1.27 -23.32
CA SER A 231 -12.05 -0.63 -23.10
C SER A 231 -11.97 0.62 -22.21
N VAL A 232 -10.75 0.96 -21.69
CA VAL A 232 -10.55 2.11 -20.81
C VAL A 232 -9.47 3.03 -21.36
N GLU A 233 -9.48 4.29 -20.89
CA GLU A 233 -8.42 5.25 -21.18
C GLU A 233 -7.39 5.08 -20.06
N MET A 234 -6.23 4.45 -20.35
CA MET A 234 -5.23 4.20 -19.31
C MET A 234 -4.74 5.45 -18.58
N ASN A 235 -4.66 6.59 -19.29
CA ASN A 235 -4.22 7.81 -18.62
C ASN A 235 -5.17 8.26 -17.53
N LEU A 236 -6.48 7.97 -17.71
CA LEU A 236 -7.48 8.31 -16.69
C LEU A 236 -7.36 7.34 -15.50
N VAL A 237 -7.08 6.08 -15.77
CA VAL A 237 -6.92 5.11 -14.70
C VAL A 237 -5.73 5.51 -13.82
N GLU A 238 -4.61 5.93 -14.44
CA GLU A 238 -3.45 6.35 -13.68
C GLU A 238 -3.77 7.57 -12.87
N ARG A 239 -4.43 8.56 -13.46
CA ARG A 239 -4.75 9.78 -12.74
C ARG A 239 -5.68 9.51 -11.57
N VAL A 240 -6.71 8.64 -11.74
CA VAL A 240 -7.59 8.42 -10.59
C VAL A 240 -6.92 7.58 -9.51
N ALA A 241 -6.04 6.65 -9.92
CA ALA A 241 -5.36 5.81 -8.95
C ALA A 241 -4.40 6.66 -8.11
N HIS A 242 -3.65 7.57 -8.76
CA HIS A 242 -2.72 8.42 -8.02
C HIS A 242 -3.45 9.41 -7.10
N LEU A 243 -4.61 9.90 -7.53
CA LEU A 243 -5.41 10.80 -6.72
C LEU A 243 -6.03 10.14 -5.46
N ILE A 244 -6.75 9.02 -5.64
CA ILE A 244 -7.32 8.33 -4.49
C ILE A 244 -6.19 7.81 -3.55
N GLY A 245 -5.11 7.32 -4.14
CA GLY A 245 -3.99 6.80 -3.36
C GLY A 245 -3.37 7.85 -2.48
N GLU A 246 -3.28 9.09 -2.99
CA GLU A 246 -2.72 10.16 -2.14
C GLU A 246 -3.65 10.42 -0.96
N TYR A 247 -4.97 10.48 -1.21
CA TYR A 247 -5.92 10.72 -0.14
C TYR A 247 -5.80 9.62 0.92
N PHE A 248 -5.64 8.37 0.47
CA PHE A 248 -5.50 7.26 1.40
C PHE A 248 -4.27 7.48 2.33
N GLN A 249 -3.16 7.94 1.76
CA GLN A 249 -1.94 8.18 2.55
C GLN A 249 -2.12 9.36 3.49
N VAL A 250 -2.84 10.41 3.06
CA VAL A 250 -3.10 11.53 3.96
C VAL A 250 -3.90 11.05 5.16
N GLN A 251 -4.93 10.21 4.92
CA GLN A 251 -5.74 9.63 6.01
C GLN A 251 -4.82 8.84 6.96
N ASP A 252 -3.92 8.01 6.40
N ASP A 252 -3.91 7.99 6.41
CA ASP A 252 -2.96 7.23 7.19
CA ASP A 252 -2.97 7.23 7.24
C ASP A 252 -2.08 8.13 8.06
C ASP A 252 -2.08 8.15 8.07
N ASP A 253 -1.59 9.25 7.49
CA ASP A 253 -0.73 10.20 8.20
C ASP A 253 -1.47 10.85 9.35
N VAL A 254 -2.76 11.21 9.13
CA VAL A 254 -3.50 11.83 10.22
C VAL A 254 -3.73 10.81 11.33
N MET A 255 -4.05 9.57 10.94
CA MET A 255 -4.29 8.50 11.91
C MET A 255 -3.05 8.18 12.72
N ASP A 256 -1.86 8.20 12.09
CA ASP A 256 -0.64 7.93 12.83
C ASP A 256 -0.51 8.85 14.06
N CYS A 257 -0.89 10.14 13.88
CA CYS A 257 -0.77 11.14 14.91
C CYS A 257 -1.92 11.13 15.90
N PHE A 258 -3.17 10.96 15.40
CA PHE A 258 -4.31 11.16 16.30
C PHE A 258 -5.26 9.97 16.56
N THR A 259 -5.13 8.85 15.86
CA THR A 259 -5.99 7.69 16.10
C THR A 259 -5.46 6.90 17.32
N PRO A 260 -6.33 6.52 18.31
CA PRO A 260 -5.82 5.77 19.47
C PRO A 260 -5.06 4.51 19.06
N PRO A 261 -3.94 4.18 19.76
CA PRO A 261 -3.15 2.99 19.37
C PRO A 261 -3.93 1.68 19.21
N GLU A 262 -4.95 1.44 20.05
CA GLU A 262 -5.81 0.25 20.00
C GLU A 262 -6.56 0.11 18.67
N GLN A 263 -6.98 1.25 18.10
CA GLN A 263 -7.68 1.33 16.82
C GLN A 263 -6.68 1.29 15.68
N LEU A 264 -5.54 1.99 15.85
CA LEU A 264 -4.47 2.07 14.83
C LEU A 264 -3.79 0.72 14.62
N GLY A 265 -3.63 -0.04 15.70
CA GLY A 265 -2.98 -1.34 15.68
C GLY A 265 -1.49 -1.23 15.98
N LYS A 266 -1.05 -0.04 16.44
CA LYS A 266 0.35 0.28 16.80
C LYS A 266 0.39 1.64 17.48
N VAL A 267 1.57 2.00 18.02
CA VAL A 267 1.85 3.32 18.58
C VAL A 267 2.49 4.08 17.39
N GLY A 268 1.81 5.11 16.89
CA GLY A 268 2.32 5.89 15.76
C GLY A 268 3.54 6.70 16.17
N THR A 269 4.60 6.69 15.34
CA THR A 269 5.83 7.41 15.69
C THR A 269 6.32 8.32 14.55
N ASP A 270 5.42 8.78 13.64
CA ASP A 270 5.91 9.65 12.55
C ASP A 270 6.61 10.92 13.06
N ILE A 271 6.14 11.51 14.17
CA ILE A 271 6.77 12.73 14.69
C ILE A 271 8.20 12.43 15.15
N GLU A 272 8.35 11.34 15.93
CA GLU A 272 9.67 10.94 16.44
C GLU A 272 10.61 10.63 15.28
N ASP A 273 10.08 10.00 14.22
CA ASP A 273 10.86 9.60 13.06
C ASP A 273 11.11 10.74 12.07
N ALA A 274 10.60 11.96 12.37
CA ALA A 274 10.77 13.14 11.51
C ALA A 274 10.23 12.93 10.09
N LYS A 275 9.16 12.17 9.95
CA LYS A 275 8.59 11.90 8.65
C LYS A 275 8.04 13.13 7.95
N CYS A 276 8.11 13.12 6.62
CA CYS A 276 7.47 14.18 5.85
C CYS A 276 6.02 13.76 5.70
N SER A 277 5.22 14.01 6.72
CA SER A 277 3.81 13.68 6.76
C SER A 277 2.96 14.81 6.20
N TRP A 278 1.68 14.53 5.91
CA TRP A 278 0.78 15.58 5.43
C TRP A 278 0.62 16.63 6.55
N LEU A 279 0.58 16.17 7.81
CA LEU A 279 0.41 17.09 8.91
C LEU A 279 1.57 18.07 9.00
N ALA A 280 2.82 17.58 8.90
CA ALA A 280 3.96 18.48 9.01
C ALA A 280 4.03 19.46 7.84
N VAL A 281 3.81 18.97 6.61
CA VAL A 281 3.84 19.86 5.42
C VAL A 281 2.73 20.92 5.49
N THR A 282 1.53 20.50 5.90
CA THR A 282 0.38 21.42 5.97
C THR A 282 0.60 22.45 7.08
N PHE A 283 1.15 22.00 8.23
CA PHE A 283 1.47 22.89 9.34
C PHE A 283 2.46 23.96 8.88
N LEU A 284 3.57 23.53 8.24
CA LEU A 284 4.58 24.48 7.77
C LEU A 284 4.04 25.42 6.68
N GLY A 285 2.99 25.00 5.98
CA GLY A 285 2.34 25.83 4.96
C GLY A 285 1.46 26.92 5.51
N LYS A 286 1.23 26.93 6.82
CA LYS A 286 0.37 28.01 7.40
C LYS A 286 0.89 28.64 8.69
N ALA A 287 2.00 28.08 9.24
CA ALA A 287 2.54 28.54 10.50
C ALA A 287 3.20 29.93 10.44
N ASN A 288 3.20 30.67 11.56
CA ASN A 288 3.91 31.94 11.62
C ASN A 288 5.38 31.64 12.05
N ALA A 289 6.25 32.66 12.10
CA ALA A 289 7.67 32.40 12.43
C ALA A 289 7.89 31.71 13.78
N ALA A 290 7.14 32.09 14.81
CA ALA A 290 7.29 31.49 16.15
C ALA A 290 6.83 30.03 16.16
N GLN A 291 5.78 29.73 15.37
CA GLN A 291 5.27 28.36 15.28
C GLN A 291 6.26 27.49 14.54
N VAL A 292 6.88 28.03 13.47
CA VAL A 292 7.91 27.29 12.70
C VAL A 292 9.10 26.97 13.63
N ALA A 293 9.56 27.99 14.39
CA ALA A 293 10.68 27.82 15.31
C ALA A 293 10.35 26.76 16.37
N GLU A 294 9.11 26.76 16.92
CA GLU A 294 8.73 25.76 17.93
C GLU A 294 8.69 24.37 17.32
N PHE A 295 8.20 24.28 16.09
CA PHE A 295 8.18 22.99 15.41
C PHE A 295 9.61 22.47 15.23
N LYS A 296 10.54 23.32 14.75
CA LYS A 296 11.94 22.90 14.53
C LYS A 296 12.60 22.44 15.83
N ALA A 297 12.28 23.10 16.95
CA ALA A 297 12.89 22.72 18.23
C ALA A 297 12.35 21.41 18.81
N ASN A 298 11.21 20.90 18.30
CA ASN A 298 10.61 19.68 18.86
C ASN A 298 10.45 18.48 17.95
N TYR A 299 10.46 18.68 16.63
CA TYR A 299 10.21 17.59 15.68
C TYR A 299 11.36 16.60 15.59
N GLY A 300 11.04 15.32 15.36
CA GLY A 300 12.06 14.28 15.17
C GLY A 300 12.79 13.85 16.42
N GLU A 301 12.18 14.08 17.58
CA GLU A 301 12.78 13.76 18.89
C GLU A 301 11.94 12.69 19.58
N LYS A 302 12.59 11.71 20.24
CA LYS A 302 11.91 10.65 20.98
C LYS A 302 11.23 11.17 22.25
N ASP A 303 11.77 12.24 22.85
CA ASP A 303 11.24 12.81 24.09
C ASP A 303 9.70 13.00 24.00
N PRO A 304 8.91 12.28 24.84
CA PRO A 304 7.44 12.41 24.78
C PRO A 304 6.93 13.84 24.97
N ALA A 305 7.64 14.67 25.77
CA ALA A 305 7.22 16.05 25.97
C ALA A 305 7.38 16.83 24.67
N LYS A 306 8.41 16.49 23.85
CA LYS A 306 8.66 17.16 22.56
C LYS A 306 7.62 16.74 21.54
N VAL A 307 7.26 15.45 21.54
CA VAL A 307 6.20 14.91 20.68
C VAL A 307 4.86 15.60 21.06
N ALA A 308 4.62 15.83 22.37
CA ALA A 308 3.39 16.49 22.84
C ALA A 308 3.30 17.93 22.34
N VAL A 309 4.45 18.64 22.28
CA VAL A 309 4.53 20.01 21.78
C VAL A 309 4.09 20.00 20.30
N VAL A 310 4.63 19.05 19.50
CA VAL A 310 4.28 18.99 18.08
C VAL A 310 2.78 18.74 17.89
N LYS A 311 2.19 17.78 18.63
CA LYS A 311 0.77 17.47 18.51
C LYS A 311 -0.09 18.67 18.91
N ARG A 312 0.40 19.47 19.88
CA ARG A 312 -0.30 20.69 20.29
C ARG A 312 -0.25 21.74 19.17
N LEU A 313 0.92 21.89 18.51
CA LEU A 313 1.09 22.83 17.40
C LEU A 313 0.12 22.46 16.27
N TYR A 314 0.02 21.16 15.96
CA TYR A 314 -0.89 20.70 14.92
C TYR A 314 -2.33 20.98 15.29
N SER A 315 -2.71 20.72 16.55
CA SER A 315 -4.07 20.92 17.04
C SER A 315 -4.45 22.40 16.99
N LYS A 316 -3.55 23.28 17.47
CA LYS A 316 -3.76 24.73 17.51
C LYS A 316 -3.79 25.38 16.12
N ALA A 317 -3.11 24.76 15.13
CA ALA A 317 -3.05 25.25 13.75
C ALA A 317 -4.33 24.93 12.99
N ASN A 318 -5.29 24.22 13.62
CA ASN A 318 -6.58 23.86 13.05
C ASN A 318 -6.39 23.18 11.68
N LEU A 319 -5.61 22.10 11.69
CA LEU A 319 -5.35 21.29 10.50
C LEU A 319 -6.60 20.58 9.96
N GLN A 320 -7.68 20.45 10.80
N GLN A 320 -7.67 20.44 10.81
CA GLN A 320 -8.97 19.86 10.39
CA GLN A 320 -8.97 19.87 10.43
C GLN A 320 -9.60 20.69 9.27
C GLN A 320 -9.61 20.69 9.30
N ALA A 321 -9.40 22.03 9.30
CA ALA A 321 -9.92 22.94 8.27
C ALA A 321 -9.15 22.69 6.97
N ASP A 322 -7.81 22.51 7.04
CA ASP A 322 -7.05 22.19 5.83
C ASP A 322 -7.46 20.82 5.31
N PHE A 323 -7.68 19.83 6.21
CA PHE A 323 -8.12 18.50 5.77
C PHE A 323 -9.47 18.58 5.07
N ALA A 324 -10.40 19.37 5.63
CA ALA A 324 -11.73 19.51 5.01
C ALA A 324 -11.64 20.07 3.60
N ALA A 325 -10.77 21.09 3.37
CA ALA A 325 -10.59 21.74 2.07
C ALA A 325 -9.93 20.76 1.10
N TYR A 326 -8.95 19.98 1.59
CA TYR A 326 -8.29 18.98 0.77
C TYR A 326 -9.29 17.89 0.35
N GLU A 327 -10.04 17.36 1.33
CA GLU A 327 -11.03 16.31 1.10
C GLU A 327 -12.09 16.78 0.09
N ALA A 328 -12.55 18.04 0.23
CA ALA A 328 -13.54 18.58 -0.70
C ALA A 328 -12.98 18.64 -2.13
N GLU A 329 -11.70 19.02 -2.28
CA GLU A 329 -11.05 19.07 -3.59
C GLU A 329 -10.86 17.67 -4.18
N VAL A 330 -10.47 16.71 -3.35
CA VAL A 330 -10.33 15.33 -3.84
C VAL A 330 -11.70 14.78 -4.27
N VAL A 331 -12.76 14.99 -3.46
CA VAL A 331 -14.12 14.51 -3.83
C VAL A 331 -14.49 15.03 -5.22
N ARG A 332 -14.25 16.33 -5.42
CA ARG A 332 -14.52 17.02 -6.65
C ARG A 332 -13.72 16.44 -7.85
N GLU A 333 -12.43 16.18 -7.65
CA GLU A 333 -11.58 15.66 -8.71
C GLU A 333 -11.84 14.18 -9.01
N VAL A 334 -12.09 13.37 -7.96
CA VAL A 334 -12.35 11.93 -8.19
C VAL A 334 -13.69 11.81 -8.95
N GLU A 335 -14.69 12.59 -8.53
CA GLU A 335 -15.98 12.55 -9.23
C GLU A 335 -15.82 12.95 -10.72
N SER A 336 -14.95 13.94 -11.01
CA SER A 336 -14.69 14.39 -12.38
C SER A 336 -14.04 13.26 -13.22
N LEU A 337 -13.07 12.56 -12.62
CA LEU A 337 -12.42 11.46 -13.32
C LEU A 337 -13.35 10.29 -13.55
N ILE A 338 -14.21 9.99 -12.57
CA ILE A 338 -15.20 8.92 -12.72
C ILE A 338 -16.11 9.26 -13.90
N GLU A 339 -16.50 10.56 -14.01
CA GLU A 339 -17.30 10.96 -15.15
C GLU A 339 -16.61 10.72 -16.47
N GLN A 340 -15.31 11.04 -16.54
CA GLN A 340 -14.54 10.86 -17.75
C GLN A 340 -14.42 9.35 -18.09
N LEU A 341 -14.32 8.49 -17.04
CA LEU A 341 -14.23 7.02 -17.24
C LEU A 341 -15.49 6.42 -17.83
N LYS A 342 -16.67 7.05 -17.57
CA LYS A 342 -17.95 6.59 -18.12
C LYS A 342 -18.02 6.69 -19.65
N VAL A 343 -17.16 7.55 -20.30
CA VAL A 343 -17.17 7.71 -21.77
C VAL A 343 -16.91 6.36 -22.45
N LYS A 344 -15.92 5.62 -21.94
CA LYS A 344 -15.58 4.31 -22.53
C LYS A 344 -16.10 3.12 -21.72
N SER A 345 -16.27 3.23 -20.38
CA SER A 345 -16.77 2.09 -19.59
C SER A 345 -17.50 2.45 -18.30
N PRO A 346 -18.85 2.44 -18.36
CA PRO A 346 -19.64 2.67 -17.13
C PRO A 346 -19.38 1.62 -16.06
N THR A 347 -19.11 0.35 -16.46
CA THR A 347 -18.86 -0.71 -15.48
C THR A 347 -17.57 -0.43 -14.70
N PHE A 348 -16.48 -0.05 -15.41
CA PHE A 348 -15.21 0.27 -14.74
C PHE A 348 -15.34 1.53 -13.88
N ALA A 349 -16.06 2.55 -14.41
CA ALA A 349 -16.30 3.78 -13.62
C ALA A 349 -16.97 3.45 -12.28
N GLU A 350 -17.96 2.50 -12.30
CA GLU A 350 -18.64 2.06 -11.08
C GLU A 350 -17.70 1.35 -10.11
N SER A 351 -16.76 0.52 -10.64
CA SER A 351 -15.81 -0.12 -9.76
C SER A 351 -14.95 0.94 -9.07
N VAL A 352 -14.56 2.02 -9.82
CA VAL A 352 -13.75 3.11 -9.27
C VAL A 352 -14.57 3.86 -8.21
N ALA A 353 -15.87 4.09 -8.48
CA ALA A 353 -16.75 4.73 -7.49
C ALA A 353 -16.82 3.90 -6.20
N VAL A 354 -16.87 2.55 -6.31
CA VAL A 354 -16.86 1.68 -5.13
C VAL A 354 -15.53 1.81 -4.36
N VAL A 355 -14.40 1.70 -5.09
CA VAL A 355 -13.07 1.85 -4.52
C VAL A 355 -12.96 3.19 -3.76
N TRP A 356 -13.48 4.28 -4.38
CA TRP A 356 -13.43 5.59 -3.73
C TRP A 356 -14.29 5.61 -2.46
N GLU A 357 -15.52 5.08 -2.57
CA GLU A 357 -16.43 5.04 -1.42
C GLU A 357 -15.81 4.30 -0.24
N LYS A 358 -15.19 3.13 -0.50
CA LYS A 358 -14.54 2.35 0.53
C LYS A 358 -13.32 3.08 1.14
N THR A 359 -12.65 3.91 0.33
CA THR A 359 -11.51 4.68 0.82
C THR A 359 -11.95 5.86 1.68
N HIS A 360 -12.91 6.64 1.16
CA HIS A 360 -13.44 7.84 1.78
C HIS A 360 -14.08 7.59 3.15
N LYS A 361 -14.80 6.46 3.31
CA LYS A 361 -15.46 6.12 4.59
C LYS A 361 -14.51 5.41 5.58
#